data_1JXI
#
_entry.id   1JXI
#
_cell.length_a   77.750
_cell.length_b   77.750
_cell.length_c   183.490
_cell.angle_alpha   90.00
_cell.angle_beta   90.00
_cell.angle_gamma   90.00
#
_symmetry.space_group_name_H-M   'P 41 21 2'
#
loop_
_entity.id
_entity.type
_entity.pdbx_description
1 polymer 'PHOSPHOMETHYLPYRIMIDINE KINASE'
2 non-polymer 'SULFATE ION'
3 non-polymer 4-AMINO-5-HYDROXYMETHYL-2-METHYLPYRIMIDINE
4 water water
#
_entity_poly.entity_id   1
_entity_poly.type   'polypeptide(L)'
_entity_poly.pdbx_seq_one_letter_code
;MGHHHHHHHHHHSSGYHIQGRHMQRINALTIAGTDPSGGAGIQADLKTFSALGAYGCSVITALVAENTCGVQSVYRIEPD
FVAAQLDSVFSDVRIDTTKIGMLAETDIVEAVAERLQRHHVRNVVLDTVMLAKSGDPLLSPSAIETLRVRLLPQVSLITP
NLPEAAALLDAPHARTEQEMLAQGRALLAMGCEAVLMKGGHLEDAQSPDWLFTREGEQRFSAPRVNTKNTHGTGCTLSAA
LAALRPRHRSWGETVNEAKAWLSAALAQADTLEVGKGIGPVHHFHAWW
;
_entity_poly.pdbx_strand_id   A,B
#
loop_
_chem_comp.id
_chem_comp.type
_chem_comp.name
_chem_comp.formula
HMH non-polymer 4-AMINO-5-HYDROXYMETHYL-2-METHYLPYRIMIDINE 'C6 H9 N3 O'
SO4 non-polymer 'SULFATE ION' 'O4 S -2'
#
# COMPACT_ATOMS: atom_id res chain seq x y z
N MET A 23 8.17 2.80 -22.49
CA MET A 23 9.30 2.93 -21.53
C MET A 23 9.67 1.60 -20.88
N GLN A 24 10.95 1.44 -20.55
CA GLN A 24 11.40 0.20 -19.94
C GLN A 24 10.70 0.02 -18.60
N ARG A 25 10.41 -1.23 -18.25
CA ARG A 25 9.76 -1.52 -16.99
C ARG A 25 10.72 -1.33 -15.81
N ILE A 26 10.33 -0.54 -14.82
CA ILE A 26 11.18 -0.42 -13.66
C ILE A 26 10.36 -0.72 -12.42
N ASN A 27 10.93 -1.55 -11.55
CA ASN A 27 10.24 -1.93 -10.32
C ASN A 27 10.83 -1.11 -9.19
N ALA A 28 9.96 -0.54 -8.37
CA ALA A 28 10.41 0.27 -7.25
C ALA A 28 10.02 -0.41 -5.95
N LEU A 29 10.90 -0.30 -4.96
CA LEU A 29 10.66 -0.89 -3.64
C LEU A 29 10.68 0.13 -2.52
N THR A 30 9.72 0.04 -1.61
CA THR A 30 9.71 0.95 -0.46
C THR A 30 9.83 0.12 0.83
N ILE A 31 10.70 0.57 1.72
CA ILE A 31 10.93 -0.08 3.00
C ILE A 31 10.53 0.99 4.00
N ALA A 32 9.33 0.88 4.58
CA ALA A 32 8.87 1.92 5.51
C ALA A 32 7.68 1.55 6.40
N GLY A 33 7.18 2.56 7.11
CA GLY A 33 6.05 2.36 7.98
C GLY A 33 4.73 2.54 7.24
N THR A 34 3.63 2.29 7.94
CA THR A 34 2.31 2.40 7.33
C THR A 34 1.47 3.56 7.84
N ASP A 35 0.59 4.04 6.98
CA ASP A 35 -0.33 5.12 7.32
C ASP A 35 -1.68 4.68 6.79
N PRO A 36 -2.58 4.28 7.69
CA PRO A 36 -3.92 3.82 7.34
C PRO A 36 -4.76 4.86 6.57
N SER A 37 -4.53 6.14 6.84
CA SER A 37 -5.30 7.19 6.16
C SER A 37 -4.80 7.40 4.73
N GLY A 38 -3.74 6.66 4.38
CA GLY A 38 -3.21 6.73 3.03
C GLY A 38 -2.43 7.94 2.55
N GLY A 39 -2.07 8.85 3.44
CA GLY A 39 -1.37 10.04 2.99
C GLY A 39 0.14 9.98 3.06
N ALA A 40 0.66 9.17 3.99
CA ALA A 40 2.10 9.05 4.17
C ALA A 40 2.47 7.57 4.18
N GLY A 41 3.69 7.27 4.62
CA GLY A 41 4.13 5.89 4.69
C GLY A 41 4.21 5.18 3.35
N ILE A 42 4.16 3.85 3.39
CA ILE A 42 4.23 3.06 2.17
C ILE A 42 3.01 3.33 1.29
N GLN A 43 1.92 3.78 1.90
CA GLN A 43 0.72 4.09 1.14
C GLN A 43 1.06 5.21 0.17
N ALA A 44 1.72 6.24 0.70
CA ALA A 44 2.12 7.36 -0.13
C ALA A 44 3.20 6.90 -1.12
N ASP A 45 4.18 6.13 -0.65
CA ASP A 45 5.26 5.68 -1.51
C ASP A 45 4.71 4.88 -2.70
N LEU A 46 3.87 3.91 -2.41
CA LEU A 46 3.25 3.07 -3.42
C LEU A 46 2.40 3.91 -4.40
N LYS A 47 1.68 4.91 -3.88
CA LYS A 47 0.86 5.75 -4.75
C LYS A 47 1.76 6.52 -5.71
N THR A 48 2.80 7.12 -5.17
CA THR A 48 3.77 7.90 -5.94
C THR A 48 4.43 7.06 -7.03
N PHE A 49 4.82 5.83 -6.69
CA PHE A 49 5.46 4.97 -7.68
C PHE A 49 4.47 4.79 -8.82
N SER A 50 3.25 4.38 -8.46
CA SER A 50 2.18 4.16 -9.43
C SER A 50 1.97 5.36 -10.35
N ALA A 51 1.89 6.54 -9.76
CA ALA A 51 1.67 7.76 -10.53
C ALA A 51 2.80 8.08 -11.48
N LEU A 52 4.02 7.66 -11.12
CA LEU A 52 5.17 7.95 -11.95
C LEU A 52 5.67 6.78 -12.80
N GLY A 53 4.78 5.84 -13.07
CA GLY A 53 5.13 4.71 -13.94
C GLY A 53 6.08 3.62 -13.47
N ALA A 54 5.91 3.15 -12.24
CA ALA A 54 6.77 2.10 -11.73
C ALA A 54 5.94 1.09 -10.94
N TYR A 55 6.22 -0.19 -11.17
CA TYR A 55 5.52 -1.24 -10.44
C TYR A 55 6.03 -1.13 -9.00
N GLY A 56 5.12 -1.15 -8.03
CA GLY A 56 5.53 -1.01 -6.66
C GLY A 56 5.59 -2.24 -5.77
N CYS A 57 6.62 -2.27 -4.94
CA CYS A 57 6.85 -3.34 -3.97
C CYS A 57 7.02 -2.64 -2.62
N SER A 58 6.72 -3.34 -1.52
CA SER A 58 6.87 -2.70 -0.21
C SER A 58 7.18 -3.66 0.93
N VAL A 59 8.11 -3.26 1.79
CA VAL A 59 8.46 -4.06 2.95
C VAL A 59 8.10 -3.19 4.14
N ILE A 60 7.22 -3.71 5.00
CA ILE A 60 6.79 -2.97 6.17
C ILE A 60 7.72 -3.10 7.37
N THR A 61 8.16 -1.97 7.90
CA THR A 61 9.06 -1.96 9.06
C THR A 61 8.30 -1.68 10.35
N ALA A 62 7.14 -1.04 10.23
CA ALA A 62 6.34 -0.72 11.40
C ALA A 62 4.92 -0.36 11.02
N LEU A 63 3.97 -0.72 11.88
CA LEU A 63 2.59 -0.39 11.63
C LEU A 63 2.27 0.75 12.55
N VAL A 64 1.40 1.65 12.10
CA VAL A 64 1.03 2.74 12.98
C VAL A 64 -0.39 3.16 12.72
N ALA A 65 -1.16 3.27 13.80
CA ALA A 65 -2.53 3.72 13.70
C ALA A 65 -2.32 5.22 13.62
N GLU A 66 -2.21 5.70 12.40
CA GLU A 66 -1.95 7.09 12.13
C GLU A 66 -3.21 7.76 11.64
N ASN A 67 -3.14 9.07 11.44
CA ASN A 67 -4.33 9.78 11.08
C ASN A 67 -4.01 11.16 10.55
N THR A 68 -4.99 11.79 9.92
CA THR A 68 -4.80 13.13 9.39
C THR A 68 -4.68 14.14 10.56
N CYS A 69 -4.88 13.64 11.77
CA CYS A 69 -4.81 14.47 12.97
C CYS A 69 -3.65 14.05 13.85
N GLY A 70 -2.74 13.24 13.30
CA GLY A 70 -1.60 12.78 14.06
C GLY A 70 -1.58 11.29 14.30
N VAL A 71 -0.60 10.84 15.08
CA VAL A 71 -0.41 9.44 15.41
C VAL A 71 -1.19 9.01 16.65
N GLN A 72 -1.97 7.96 16.54
CA GLN A 72 -2.71 7.47 17.71
C GLN A 72 -1.83 6.47 18.46
N SER A 73 -1.14 5.60 17.72
CA SER A 73 -0.27 4.61 18.34
C SER A 73 0.65 3.93 17.32
N VAL A 74 1.70 3.30 17.83
CA VAL A 74 2.65 2.62 16.97
C VAL A 74 2.75 1.15 17.38
N TYR A 75 2.83 0.28 16.38
CA TYR A 75 2.90 -1.15 16.61
C TYR A 75 4.21 -1.67 16.03
N ARG A 76 5.05 -2.21 16.89
CA ARG A 76 6.34 -2.74 16.47
C ARG A 76 6.24 -4.09 15.75
N ILE A 77 7.16 -4.31 14.83
CA ILE A 77 7.24 -5.55 14.08
C ILE A 77 8.62 -6.14 14.38
N GLU A 78 8.70 -7.47 14.45
CA GLU A 78 9.97 -8.14 14.73
C GLU A 78 10.95 -7.94 13.59
N PRO A 79 12.15 -7.43 13.91
CA PRO A 79 13.18 -7.20 12.89
C PRO A 79 13.32 -8.40 11.96
N ASP A 80 13.17 -9.59 12.53
CA ASP A 80 13.26 -10.81 11.77
C ASP A 80 12.24 -10.89 10.66
N PHE A 81 11.02 -10.41 10.93
CA PHE A 81 9.98 -10.44 9.91
C PHE A 81 10.30 -9.40 8.83
N VAL A 82 10.88 -8.27 9.25
CA VAL A 82 11.27 -7.25 8.29
C VAL A 82 12.25 -7.97 7.37
N ALA A 83 13.24 -8.63 7.97
CA ALA A 83 14.23 -9.38 7.22
C ALA A 83 13.52 -10.40 6.31
N ALA A 84 12.54 -11.11 6.87
CA ALA A 84 11.81 -12.09 6.09
C ALA A 84 11.16 -11.42 4.87
N GLN A 85 10.61 -10.23 5.09
CA GLN A 85 9.96 -9.47 4.03
C GLN A 85 10.95 -9.08 2.94
N LEU A 86 12.11 -8.56 3.36
CA LEU A 86 13.14 -8.16 2.41
C LEU A 86 13.50 -9.34 1.53
N ASP A 87 13.73 -10.48 2.15
CA ASP A 87 14.10 -11.67 1.40
C ASP A 87 13.00 -12.16 0.48
N SER A 88 11.75 -12.11 0.93
CA SER A 88 10.66 -12.53 0.06
C SER A 88 10.69 -11.69 -1.22
N VAL A 89 11.07 -10.43 -1.10
CA VAL A 89 11.13 -9.56 -2.27
C VAL A 89 12.40 -9.71 -3.11
N PHE A 90 13.56 -9.50 -2.48
CA PHE A 90 14.83 -9.59 -3.20
C PHE A 90 15.19 -10.95 -3.76
N SER A 91 14.54 -12.00 -3.26
CA SER A 91 14.84 -13.34 -3.75
C SER A 91 13.93 -13.69 -4.93
N ASP A 92 13.09 -12.75 -5.34
CA ASP A 92 12.13 -13.02 -6.42
C ASP A 92 11.89 -11.92 -7.44
N VAL A 93 11.90 -10.66 -6.99
CA VAL A 93 11.65 -9.54 -7.89
C VAL A 93 12.89 -8.66 -8.08
N ARG A 94 13.18 -8.32 -9.33
CA ARG A 94 14.33 -7.47 -9.61
C ARG A 94 13.95 -6.05 -9.18
N ILE A 95 14.72 -5.48 -8.26
CA ILE A 95 14.47 -4.14 -7.78
C ILE A 95 15.40 -3.11 -8.43
N ASP A 96 14.82 -2.13 -9.12
CA ASP A 96 15.62 -1.10 -9.80
C ASP A 96 15.84 0.17 -8.98
N THR A 97 14.91 0.49 -8.09
CA THR A 97 15.03 1.67 -7.22
C THR A 97 14.45 1.37 -5.86
N THR A 98 14.98 2.02 -4.84
CA THR A 98 14.51 1.80 -3.50
C THR A 98 14.42 3.08 -2.70
N LYS A 99 13.33 3.20 -1.94
CA LYS A 99 13.10 4.34 -1.08
C LYS A 99 12.98 3.80 0.34
N ILE A 100 13.65 4.45 1.28
CA ILE A 100 13.59 4.00 2.65
C ILE A 100 12.97 5.08 3.53
N GLY A 101 11.95 4.69 4.30
CA GLY A 101 11.28 5.62 5.19
C GLY A 101 11.58 5.27 6.63
N MET A 102 10.52 5.16 7.44
CA MET A 102 10.63 4.82 8.85
C MET A 102 11.41 3.51 9.04
N LEU A 103 12.46 3.56 9.86
CA LEU A 103 13.28 2.40 10.15
C LEU A 103 13.08 1.90 11.59
N ALA A 104 12.51 2.77 12.43
CA ALA A 104 12.18 2.46 13.84
C ALA A 104 13.31 2.17 14.84
N GLU A 105 13.98 1.03 14.68
CA GLU A 105 15.03 0.69 15.63
C GLU A 105 16.29 0.11 15.01
N THR A 106 17.33 0.02 15.84
CA THR A 106 18.64 -0.49 15.45
C THR A 106 18.61 -1.79 14.66
N ASP A 107 17.85 -2.76 15.14
CA ASP A 107 17.78 -4.05 14.48
C ASP A 107 17.23 -3.99 13.06
N ILE A 108 16.26 -3.10 12.84
CA ILE A 108 15.69 -2.95 11.52
C ILE A 108 16.77 -2.35 10.61
N VAL A 109 17.37 -1.25 11.07
CA VAL A 109 18.41 -0.58 10.33
C VAL A 109 19.48 -1.57 9.89
N GLU A 110 19.90 -2.40 10.83
CA GLU A 110 20.91 -3.42 10.58
C GLU A 110 20.43 -4.43 9.54
N ALA A 111 19.22 -4.95 9.74
CA ALA A 111 18.66 -5.92 8.81
C ALA A 111 18.55 -5.35 7.40
N VAL A 112 18.10 -4.09 7.31
CA VAL A 112 17.96 -3.42 6.02
C VAL A 112 19.31 -3.25 5.36
N ALA A 113 20.25 -2.65 6.08
CA ALA A 113 21.58 -2.43 5.53
C ALA A 113 22.18 -3.75 5.02
N GLU A 114 22.04 -4.79 5.82
CA GLU A 114 22.58 -6.10 5.47
C GLU A 114 22.04 -6.61 4.13
N ARG A 115 20.72 -6.58 3.96
CA ARG A 115 20.11 -7.04 2.70
C ARG A 115 20.51 -6.15 1.54
N LEU A 116 20.59 -4.85 1.80
CA LEU A 116 20.98 -3.90 0.79
C LEU A 116 22.38 -4.24 0.28
N GLN A 117 23.24 -4.62 1.22
CA GLN A 117 24.62 -4.99 0.91
C GLN A 117 24.68 -6.32 0.16
N ARG A 118 23.93 -7.30 0.64
CA ARG A 118 23.94 -8.62 0.01
C ARG A 118 23.44 -8.60 -1.44
N HIS A 119 22.37 -7.87 -1.69
CA HIS A 119 21.82 -7.83 -3.03
C HIS A 119 22.31 -6.68 -3.92
N HIS A 120 23.42 -6.05 -3.53
CA HIS A 120 23.99 -4.95 -4.32
C HIS A 120 22.89 -4.02 -4.83
N VAL A 121 22.08 -3.54 -3.89
CA VAL A 121 20.97 -2.67 -4.22
C VAL A 121 21.43 -1.26 -4.47
N ARG A 122 21.04 -0.71 -5.62
CA ARG A 122 21.45 0.65 -5.94
C ARG A 122 20.26 1.57 -6.11
N ASN A 123 20.56 2.86 -6.27
CA ASN A 123 19.51 3.87 -6.43
C ASN A 123 18.72 3.91 -5.13
N VAL A 124 19.42 3.81 -4.02
CA VAL A 124 18.75 3.84 -2.74
C VAL A 124 18.55 5.27 -2.28
N VAL A 125 17.28 5.65 -2.12
CA VAL A 125 16.94 6.97 -1.64
C VAL A 125 16.53 6.83 -0.19
N LEU A 126 17.20 7.54 0.69
CA LEU A 126 16.89 7.49 2.10
C LEU A 126 16.32 8.78 2.66
N ASP A 127 15.04 8.77 3.01
CA ASP A 127 14.42 9.94 3.61
C ASP A 127 14.86 9.80 5.06
N THR A 128 14.84 10.89 5.81
CA THR A 128 15.26 10.84 7.20
C THR A 128 14.10 10.99 8.18
N VAL A 129 13.45 9.87 8.47
CA VAL A 129 12.32 9.84 9.39
C VAL A 129 12.80 9.65 10.81
N MET A 130 13.34 10.71 11.40
CA MET A 130 13.84 10.65 12.77
C MET A 130 13.21 11.74 13.63
N LEU A 131 11.88 11.76 13.59
CA LEU A 131 11.07 12.71 14.35
C LEU A 131 9.66 12.14 14.26
N ALA A 132 8.66 13.00 14.01
CA ALA A 132 7.28 12.53 13.89
C ALA A 132 6.32 13.63 13.44
N LYS A 133 5.31 13.24 12.67
CA LYS A 133 4.32 14.20 12.18
C LYS A 133 3.74 14.97 13.36
N SER A 134 3.15 14.25 14.31
CA SER A 134 2.56 14.87 15.49
C SER A 134 3.65 15.53 16.33
N GLY A 135 4.91 15.26 15.96
CA GLY A 135 6.03 15.85 16.69
C GLY A 135 6.57 14.93 17.76
N ASP A 136 7.83 14.51 17.60
CA ASP A 136 8.51 13.62 18.55
C ASP A 136 9.75 12.97 17.93
N PRO A 137 10.95 13.22 18.51
CA PRO A 137 12.20 12.64 17.98
C PRO A 137 12.29 11.11 18.04
N LEU A 138 11.73 10.43 17.04
CA LEU A 138 11.73 8.95 16.95
C LEU A 138 13.14 8.42 16.66
N LEU A 139 14.13 9.09 17.22
CA LEU A 139 15.52 8.71 17.00
C LEU A 139 16.20 7.91 18.12
N SER A 140 16.25 6.60 17.97
CA SER A 140 16.92 5.77 18.97
C SER A 140 18.40 6.11 18.86
N PRO A 141 18.99 6.64 19.94
CA PRO A 141 20.42 7.01 19.91
C PRO A 141 21.30 5.87 19.40
N SER A 142 20.84 4.64 19.64
CA SER A 142 21.58 3.46 19.21
C SER A 142 21.29 3.24 17.72
N ALA A 143 20.08 3.61 17.31
CA ALA A 143 19.66 3.46 15.92
C ALA A 143 20.43 4.43 15.01
N ILE A 144 20.48 5.70 15.41
CA ILE A 144 21.17 6.72 14.62
C ILE A 144 22.63 6.37 14.37
N GLU A 145 23.31 5.86 15.39
CA GLU A 145 24.71 5.50 15.24
C GLU A 145 24.86 4.37 14.24
N THR A 146 23.97 3.38 14.34
CA THR A 146 24.00 2.23 13.43
C THR A 146 23.67 2.69 12.01
N LEU A 147 22.77 3.65 11.91
CA LEU A 147 22.35 4.19 10.63
C LEU A 147 23.52 4.86 9.90
N ARG A 148 24.25 5.71 10.62
CA ARG A 148 25.37 6.41 9.99
C ARG A 148 26.54 5.50 9.66
N VAL A 149 26.71 4.43 10.41
CA VAL A 149 27.82 3.51 10.17
C VAL A 149 27.49 2.38 9.21
N ARG A 150 26.27 1.86 9.30
CA ARG A 150 25.87 0.75 8.45
C ARG A 150 25.01 1.04 7.22
N LEU A 151 24.17 2.07 7.27
CA LEU A 151 23.29 2.35 6.14
C LEU A 151 23.79 3.44 5.20
N LEU A 152 24.20 4.58 5.74
CA LEU A 152 24.69 5.69 4.93
C LEU A 152 25.63 5.30 3.80
N PRO A 153 26.55 4.35 4.05
CA PRO A 153 27.47 3.94 2.98
C PRO A 153 26.79 3.23 1.82
N GLN A 154 25.47 3.09 1.88
CA GLN A 154 24.78 2.39 0.82
C GLN A 154 23.64 3.17 0.17
N VAL A 155 23.48 4.43 0.52
CA VAL A 155 22.41 5.20 -0.07
C VAL A 155 22.94 6.02 -1.24
N SER A 156 22.13 6.16 -2.28
CA SER A 156 22.52 6.94 -3.44
C SER A 156 22.19 8.40 -3.14
N LEU A 157 21.06 8.62 -2.49
CA LEU A 157 20.65 9.98 -2.15
C LEU A 157 19.94 10.02 -0.81
N ILE A 158 20.35 10.96 0.04
CA ILE A 158 19.69 11.11 1.33
C ILE A 158 18.96 12.45 1.28
N THR A 159 17.75 12.51 1.85
CA THR A 159 16.95 13.73 1.80
C THR A 159 16.54 14.31 3.15
N PRO A 160 17.53 14.75 3.95
CA PRO A 160 17.18 15.32 5.26
C PRO A 160 16.90 16.82 5.23
N ASN A 161 16.25 17.33 6.26
CA ASN A 161 16.01 18.77 6.38
C ASN A 161 17.14 19.21 7.34
N LEU A 162 17.15 20.46 7.76
CA LEU A 162 18.24 20.91 8.64
C LEU A 162 18.38 20.20 9.98
N PRO A 163 17.30 20.11 10.78
CA PRO A 163 17.37 19.44 12.07
C PRO A 163 17.87 18.00 11.92
N GLU A 164 17.33 17.30 10.93
CA GLU A 164 17.71 15.93 10.66
C GLU A 164 19.17 15.80 10.27
N ALA A 165 19.62 16.68 9.37
CA ALA A 165 21.01 16.68 8.93
C ALA A 165 21.90 16.83 10.15
N ALA A 166 21.52 17.75 11.04
CA ALA A 166 22.29 17.99 12.25
C ALA A 166 22.34 16.74 13.11
N ALA A 167 21.20 16.11 13.30
CA ALA A 167 21.13 14.91 14.13
C ALA A 167 22.00 13.77 13.59
N LEU A 168 22.04 13.60 12.27
CA LEU A 168 22.85 12.55 11.67
C LEU A 168 24.33 12.85 11.88
N LEU A 169 24.69 14.14 11.83
CA LEU A 169 26.07 14.54 11.99
C LEU A 169 26.43 14.76 13.46
N ASP A 170 25.40 14.81 14.30
CA ASP A 170 25.61 15.05 15.72
C ASP A 170 26.34 16.38 15.83
N ALA A 171 25.80 17.37 15.13
CA ALA A 171 26.35 18.71 15.10
C ALA A 171 25.25 19.72 15.39
N PRO A 172 25.61 20.97 15.68
CA PRO A 172 24.60 21.99 15.95
C PRO A 172 23.79 22.30 14.69
N HIS A 173 22.53 22.71 14.89
CA HIS A 173 21.65 23.05 13.78
C HIS A 173 22.30 24.19 12.97
N ALA A 174 22.58 23.93 11.71
CA ALA A 174 23.22 24.93 10.84
C ALA A 174 22.62 26.32 10.99
N ARG A 175 23.47 27.31 11.26
CA ARG A 175 23.04 28.70 11.43
C ARG A 175 23.08 29.48 10.12
N THR A 176 24.18 29.36 9.39
CA THR A 176 24.36 30.06 8.13
C THR A 176 24.35 29.14 6.92
N GLU A 177 24.48 29.73 5.73
CA GLU A 177 24.49 28.95 4.50
C GLU A 177 25.79 28.15 4.41
N GLN A 178 26.88 28.73 4.89
CA GLN A 178 28.18 28.06 4.86
C GLN A 178 28.11 26.78 5.67
N GLU A 179 27.56 26.86 6.87
CA GLU A 179 27.46 25.69 7.73
C GLU A 179 26.58 24.63 7.06
N MET A 180 25.49 25.07 6.45
CA MET A 180 24.59 24.18 5.76
C MET A 180 25.33 23.44 4.64
N LEU A 181 26.19 24.16 3.93
CA LEU A 181 26.97 23.57 2.85
C LEU A 181 28.03 22.60 3.42
N ALA A 182 28.53 22.92 4.61
CA ALA A 182 29.53 22.07 5.24
C ALA A 182 28.91 20.71 5.61
N GLN A 183 27.68 20.75 6.11
CA GLN A 183 27.00 19.53 6.50
C GLN A 183 26.68 18.63 5.31
N GLY A 184 26.37 19.24 4.17
CA GLY A 184 26.06 18.46 2.99
C GLY A 184 27.30 17.71 2.55
N ARG A 185 28.43 18.42 2.54
CA ARG A 185 29.69 17.83 2.14
C ARG A 185 30.15 16.76 3.13
N ALA A 186 29.84 16.96 4.40
CA ALA A 186 30.22 15.99 5.42
C ALA A 186 29.42 14.70 5.19
N LEU A 187 28.14 14.85 4.87
CA LEU A 187 27.29 13.69 4.61
C LEU A 187 27.76 12.91 3.39
N LEU A 188 28.39 13.58 2.44
CA LEU A 188 28.90 12.89 1.27
C LEU A 188 30.05 11.99 1.69
N ALA A 189 30.97 12.56 2.47
CA ALA A 189 32.14 11.84 2.93
C ALA A 189 31.77 10.59 3.72
N MET A 190 30.58 10.61 4.34
CA MET A 190 30.16 9.47 5.13
C MET A 190 29.64 8.29 4.32
N GLY A 191 29.65 8.43 3.00
CA GLY A 191 29.20 7.34 2.15
C GLY A 191 28.14 7.68 1.13
N CYS A 192 27.27 8.62 1.48
CA CYS A 192 26.18 9.03 0.60
C CYS A 192 26.71 9.51 -0.74
N GLU A 193 26.11 9.02 -1.82
CA GLU A 193 26.52 9.42 -3.16
C GLU A 193 26.03 10.82 -3.46
N ALA A 194 24.93 11.21 -2.84
CA ALA A 194 24.36 12.53 -3.06
C ALA A 194 23.53 12.92 -1.85
N VAL A 195 23.32 14.23 -1.69
CA VAL A 195 22.54 14.74 -0.58
C VAL A 195 21.64 15.88 -1.02
N LEU A 196 20.38 15.84 -0.59
CA LEU A 196 19.46 16.92 -0.91
C LEU A 196 19.07 17.58 0.42
N MET A 197 19.79 18.63 0.79
CA MET A 197 19.51 19.36 2.02
C MET A 197 18.24 20.16 1.78
N LYS A 198 17.20 19.89 2.56
CA LYS A 198 15.94 20.59 2.42
C LYS A 198 15.89 21.81 3.34
N GLY A 199 15.54 22.96 2.77
CA GLY A 199 15.48 24.20 3.54
C GLY A 199 14.13 24.46 4.18
N ASP A 209 16.50 24.56 -1.14
CA ASP A 209 17.01 23.20 -1.26
C ASP A 209 18.31 23.12 -2.05
N TRP A 210 19.29 22.43 -1.47
CA TRP A 210 20.59 22.25 -2.11
C TRP A 210 20.92 20.78 -2.34
N LEU A 211 21.34 20.47 -3.56
CA LEU A 211 21.73 19.12 -3.96
C LEU A 211 23.26 19.02 -3.98
N PHE A 212 23.82 18.05 -3.25
CA PHE A 212 25.26 17.86 -3.17
C PHE A 212 25.72 16.60 -3.91
N THR A 213 26.76 16.76 -4.71
CA THR A 213 27.32 15.67 -5.48
C THR A 213 28.84 15.79 -5.45
N ARG A 214 29.56 14.77 -5.90
CA ARG A 214 31.01 14.84 -5.92
C ARG A 214 31.40 16.03 -6.80
N GLU A 215 30.58 16.30 -7.82
CA GLU A 215 30.81 17.40 -8.74
C GLU A 215 30.74 18.76 -8.07
N GLY A 216 29.65 19.01 -7.34
CA GLY A 216 29.49 20.29 -6.67
C GLY A 216 28.09 20.45 -6.12
N GLU A 217 27.66 21.68 -5.91
CA GLU A 217 26.32 21.94 -5.38
C GLU A 217 25.40 22.55 -6.42
N GLN A 218 24.10 22.51 -6.13
CA GLN A 218 23.08 23.05 -7.01
C GLN A 218 21.87 23.50 -6.19
N ARG A 219 21.45 24.74 -6.40
CA ARG A 219 20.31 25.28 -5.68
C ARG A 219 19.01 25.02 -6.45
N PHE A 220 17.92 24.85 -5.70
CA PHE A 220 16.61 24.59 -6.28
C PHE A 220 15.55 25.49 -5.65
N ARG A 224 7.04 27.39 -2.64
CA ARG A 224 5.92 28.00 -3.36
C ARG A 224 4.59 27.36 -2.94
N VAL A 225 4.62 26.57 -1.87
CA VAL A 225 3.43 25.88 -1.37
C VAL A 225 2.30 26.82 -0.93
N ASN A 226 1.15 26.70 -1.59
CA ASN A 226 0.00 27.54 -1.28
C ASN A 226 -1.12 26.76 -0.60
N THR A 227 -0.79 25.64 0.02
CA THR A 227 -1.79 24.82 0.71
C THR A 227 -1.34 24.43 2.10
N LYS A 228 -2.31 24.02 2.91
CA LYS A 228 -2.04 23.61 4.29
C LYS A 228 -2.05 22.08 4.40
N ASN A 229 -2.60 21.42 3.39
CA ASN A 229 -2.66 19.96 3.39
C ASN A 229 -1.36 19.40 2.81
N THR A 230 -0.37 19.26 3.68
CA THR A 230 0.95 18.79 3.29
C THR A 230 1.38 17.46 3.93
N HIS A 231 0.44 16.76 4.54
CA HIS A 231 0.72 15.48 5.18
C HIS A 231 1.31 14.52 4.15
N GLY A 232 2.47 13.94 4.46
CA GLY A 232 3.10 12.99 3.55
C GLY A 232 4.03 13.55 2.47
N THR A 233 4.19 14.86 2.46
CA THR A 233 5.05 15.51 1.49
C THR A 233 6.43 14.86 1.42
N GLY A 234 7.06 14.76 2.58
CA GLY A 234 8.39 14.17 2.67
C GLY A 234 8.49 12.78 2.10
N CYS A 235 7.54 11.91 2.45
CA CYS A 235 7.52 10.54 1.93
C CYS A 235 7.34 10.61 0.41
N THR A 236 6.42 11.45 -0.02
CA THR A 236 6.12 11.58 -1.43
C THR A 236 7.31 12.05 -2.25
N LEU A 237 8.03 13.04 -1.74
CA LEU A 237 9.19 13.55 -2.45
C LEU A 237 10.24 12.46 -2.59
N SER A 238 10.56 11.79 -1.49
CA SER A 238 11.57 10.74 -1.56
C SER A 238 11.13 9.59 -2.45
N ALA A 239 9.87 9.17 -2.36
CA ALA A 239 9.37 8.10 -3.21
C ALA A 239 9.47 8.54 -4.68
N ALA A 240 9.16 9.81 -4.93
CA ALA A 240 9.22 10.35 -6.29
C ALA A 240 10.66 10.35 -6.81
N LEU A 241 11.59 10.82 -6.00
CA LEU A 241 12.99 10.84 -6.40
C LEU A 241 13.45 9.44 -6.76
N ALA A 242 12.96 8.46 -6.01
CA ALA A 242 13.33 7.07 -6.27
C ALA A 242 12.76 6.57 -7.57
N ALA A 243 11.45 6.73 -7.76
CA ALA A 243 10.80 6.25 -8.97
C ALA A 243 11.29 6.96 -10.24
N LEU A 244 11.69 8.21 -10.09
CA LEU A 244 12.16 9.00 -11.22
C LEU A 244 13.62 8.82 -11.62
N ARG A 245 14.48 8.49 -10.66
CA ARG A 245 15.91 8.33 -10.91
C ARG A 245 16.31 7.52 -12.15
N PRO A 246 15.72 6.32 -12.31
CA PRO A 246 16.05 5.46 -13.45
C PRO A 246 15.68 6.03 -14.82
N ARG A 247 14.96 7.15 -14.86
CA ARG A 247 14.56 7.71 -16.14
C ARG A 247 15.29 9.02 -16.45
N HIS A 248 16.33 9.31 -15.68
CA HIS A 248 17.09 10.52 -15.88
C HIS A 248 18.59 10.31 -15.93
N ARG A 249 19.28 11.31 -16.46
CA ARG A 249 20.73 11.29 -16.62
C ARG A 249 21.46 11.47 -15.29
N SER A 250 21.02 12.44 -14.50
CA SER A 250 21.66 12.75 -13.23
C SER A 250 20.66 13.04 -12.12
N TRP A 251 21.17 13.11 -10.89
CA TRP A 251 20.31 13.41 -9.74
C TRP A 251 19.72 14.80 -9.87
N GLY A 252 20.47 15.70 -10.49
CA GLY A 252 19.97 17.05 -10.66
C GLY A 252 18.75 17.04 -11.55
N GLU A 253 18.85 16.31 -12.64
CA GLU A 253 17.75 16.24 -13.59
C GLU A 253 16.53 15.63 -12.87
N THR A 254 16.74 14.52 -12.17
CA THR A 254 15.65 13.89 -11.48
C THR A 254 15.11 14.74 -10.31
N VAL A 255 15.99 15.45 -9.61
CA VAL A 255 15.52 16.30 -8.51
C VAL A 255 14.58 17.36 -9.04
N ASN A 256 14.91 17.84 -10.24
CA ASN A 256 14.13 18.87 -10.89
C ASN A 256 12.73 18.40 -11.27
N GLU A 257 12.63 17.23 -11.89
CA GLU A 257 11.33 16.73 -12.30
C GLU A 257 10.45 16.37 -11.11
N ALA A 258 11.02 15.69 -10.11
CA ALA A 258 10.29 15.27 -8.93
C ALA A 258 9.67 16.44 -8.19
N LYS A 259 10.41 17.54 -8.08
CA LYS A 259 9.88 18.70 -7.39
C LYS A 259 8.71 19.31 -8.16
N ALA A 260 8.87 19.41 -9.48
CA ALA A 260 7.83 19.97 -10.33
C ALA A 260 6.54 19.18 -10.12
N TRP A 261 6.70 17.85 -10.15
CA TRP A 261 5.58 16.96 -9.97
C TRP A 261 4.95 17.08 -8.57
N LEU A 262 5.78 17.13 -7.54
CA LEU A 262 5.28 17.24 -6.18
C LEU A 262 4.52 18.55 -6.02
N SER A 263 5.01 19.60 -6.68
CA SER A 263 4.36 20.89 -6.61
C SER A 263 2.95 20.80 -7.19
N ALA A 264 2.80 20.04 -8.27
CA ALA A 264 1.49 19.86 -8.88
C ALA A 264 0.60 19.05 -7.95
N ALA A 265 1.19 18.11 -7.20
CA ALA A 265 0.42 17.30 -6.27
C ALA A 265 -0.12 18.16 -5.13
N LEU A 266 0.71 19.10 -4.67
CA LEU A 266 0.30 19.98 -3.60
C LEU A 266 -0.75 20.95 -4.13
N ALA A 267 -0.56 21.36 -5.38
CA ALA A 267 -1.47 22.31 -5.99
C ALA A 267 -2.90 21.81 -6.09
N GLN A 268 -3.12 20.53 -5.86
CA GLN A 268 -4.46 19.98 -5.95
C GLN A 268 -4.90 19.34 -4.64
N ALA A 269 -4.00 19.37 -3.66
CA ALA A 269 -4.29 18.80 -2.35
C ALA A 269 -5.67 19.20 -1.82
N ASP A 270 -6.08 20.44 -2.07
CA ASP A 270 -7.37 20.90 -1.56
C ASP A 270 -8.60 20.35 -2.28
N THR A 271 -8.41 19.69 -3.41
CA THR A 271 -9.55 19.13 -4.12
C THR A 271 -9.91 17.77 -3.54
N LEU A 272 -9.15 17.33 -2.54
CA LEU A 272 -9.42 16.04 -1.93
C LEU A 272 -10.27 16.22 -0.67
N GLU A 273 -11.06 15.22 -0.33
CA GLU A 273 -11.91 15.32 0.84
C GLU A 273 -11.58 14.24 1.85
N VAL A 274 -10.34 14.25 2.34
CA VAL A 274 -9.95 13.23 3.32
C VAL A 274 -9.48 13.84 4.62
N GLY A 275 -10.02 13.34 5.73
CA GLY A 275 -9.63 13.81 7.05
C GLY A 275 -10.16 15.15 7.52
N LYS A 276 -9.96 15.41 8.81
CA LYS A 276 -10.38 16.66 9.45
C LYS A 276 -9.17 17.52 9.81
N GLY A 277 -8.01 16.89 9.94
CA GLY A 277 -6.80 17.61 10.26
C GLY A 277 -6.07 18.12 9.03
N ILE A 278 -4.80 17.74 8.90
CA ILE A 278 -3.99 18.17 7.76
C ILE A 278 -4.02 17.07 6.70
N GLY A 279 -4.53 17.41 5.53
CA GLY A 279 -4.64 16.44 4.45
C GLY A 279 -3.39 16.07 3.69
N PRO A 280 -3.48 15.06 2.82
CA PRO A 280 -2.36 14.59 2.02
C PRO A 280 -2.32 15.35 0.70
N VAL A 281 -1.29 15.12 -0.09
CA VAL A 281 -1.21 15.76 -1.39
C VAL A 281 -1.99 14.85 -2.35
N HIS A 282 -2.28 15.34 -3.55
CA HIS A 282 -3.01 14.53 -4.49
C HIS A 282 -2.06 13.82 -5.46
N HIS A 283 -1.62 12.65 -5.05
CA HIS A 283 -0.70 11.84 -5.83
C HIS A 283 -1.16 11.62 -7.26
N PHE A 284 -2.46 11.67 -7.51
CA PHE A 284 -2.96 11.43 -8.86
C PHE A 284 -3.52 12.62 -9.61
N HIS A 285 -3.04 13.81 -9.27
CA HIS A 285 -3.49 15.03 -9.91
C HIS A 285 -3.50 14.92 -11.44
N ALA A 286 -2.57 14.13 -11.97
CA ALA A 286 -2.45 13.97 -13.41
C ALA A 286 -3.42 12.98 -14.06
N TRP A 287 -4.16 12.22 -13.26
CA TRP A 287 -5.08 11.25 -13.83
C TRP A 287 -6.55 11.43 -13.50
N TRP A 288 -6.86 11.98 -12.34
CA TRP A 288 -8.25 12.19 -11.96
C TRP A 288 -8.38 13.15 -10.79
N MET B 23 -15.33 14.46 -11.66
CA MET B 23 -16.11 13.45 -10.88
C MET B 23 -16.03 13.69 -9.37
N GLN B 24 -17.10 13.36 -8.66
CA GLN B 24 -17.11 13.53 -7.22
C GLN B 24 -15.98 12.71 -6.59
N ARG B 25 -15.40 13.24 -5.51
CA ARG B 25 -14.34 12.54 -4.81
C ARG B 25 -14.86 11.35 -4.01
N ILE B 26 -14.30 10.17 -4.23
CA ILE B 26 -14.76 9.06 -3.42
C ILE B 26 -13.54 8.42 -2.77
N ASN B 27 -13.65 8.15 -1.49
CA ASN B 27 -12.57 7.54 -0.76
C ASN B 27 -12.89 6.06 -0.58
N ALA B 28 -11.91 5.20 -0.86
CA ALA B 28 -12.11 3.77 -0.73
C ALA B 28 -11.21 3.24 0.36
N LEU B 29 -11.72 2.25 1.09
CA LEU B 29 -10.97 1.63 2.18
C LEU B 29 -10.79 0.13 1.98
N THR B 30 -9.59 -0.37 2.25
CA THR B 30 -9.35 -1.80 2.16
C THR B 30 -8.91 -2.32 3.54
N ILE B 31 -9.51 -3.44 3.95
CA ILE B 31 -9.20 -4.09 5.22
C ILE B 31 -8.68 -5.46 4.79
N ALA B 32 -7.36 -5.64 4.81
CA ALA B 32 -6.81 -6.91 4.36
C ALA B 32 -5.36 -7.18 4.74
N GLY B 33 -4.82 -8.26 4.15
CA GLY B 33 -3.45 -8.65 4.39
C GLY B 33 -2.49 -7.98 3.44
N THR B 34 -1.19 -8.17 3.66
CA THR B 34 -0.17 -7.54 2.84
C THR B 34 0.59 -8.50 1.94
N ASP B 35 1.06 -7.99 0.81
CA ASP B 35 1.84 -8.76 -0.13
C ASP B 35 3.01 -7.86 -0.52
N PRO B 36 4.19 -8.15 0.00
CA PRO B 36 5.41 -7.37 -0.28
C PRO B 36 5.77 -7.28 -1.75
N SER B 37 5.42 -8.31 -2.55
CA SER B 37 5.76 -8.29 -3.96
C SER B 37 4.81 -7.38 -4.73
N GLY B 38 3.83 -6.84 -4.02
CA GLY B 38 2.89 -5.91 -4.63
C GLY B 38 1.83 -6.41 -5.61
N GLY B 39 1.64 -7.71 -5.72
CA GLY B 39 0.63 -8.22 -6.65
C GLY B 39 -0.75 -8.48 -6.05
N ALA B 40 -0.80 -8.80 -4.77
CA ALA B 40 -2.06 -9.09 -4.10
C ALA B 40 -2.16 -8.25 -2.83
N GLY B 41 -3.10 -8.61 -1.96
CA GLY B 41 -3.30 -7.89 -0.71
C GLY B 41 -3.69 -6.44 -0.86
N ILE B 42 -3.44 -5.65 0.18
CA ILE B 42 -3.76 -4.23 0.15
C ILE B 42 -2.94 -3.52 -0.94
N GLN B 43 -1.79 -4.09 -1.29
CA GLN B 43 -0.98 -3.48 -2.33
C GLN B 43 -1.79 -3.48 -3.62
N ALA B 44 -2.40 -4.62 -3.90
CA ALA B 44 -3.21 -4.71 -5.11
C ALA B 44 -4.46 -3.85 -4.96
N ASP B 45 -5.11 -3.91 -3.79
CA ASP B 45 -6.32 -3.13 -3.55
C ASP B 45 -6.06 -1.63 -3.75
N LEU B 46 -5.02 -1.14 -3.09
CA LEU B 46 -4.63 0.26 -3.17
C LEU B 46 -4.31 0.64 -4.63
N LYS B 47 -3.61 -0.24 -5.36
CA LYS B 47 -3.28 0.07 -6.75
C LYS B 47 -4.55 0.20 -7.58
N THR B 48 -5.44 -0.77 -7.43
CA THR B 48 -6.72 -0.79 -8.14
C THR B 48 -7.57 0.45 -7.85
N PHE B 49 -7.62 0.87 -6.58
CA PHE B 49 -8.39 2.07 -6.24
C PHE B 49 -7.80 3.22 -7.04
N SER B 50 -6.49 3.38 -6.91
CA SER B 50 -5.76 4.45 -7.62
C SER B 50 -6.05 4.47 -9.11
N ALA B 51 -5.97 3.30 -9.74
CA ALA B 51 -6.22 3.20 -11.17
C ALA B 51 -7.64 3.56 -11.57
N LEU B 52 -8.60 3.33 -10.67
CA LEU B 52 -9.99 3.61 -10.98
C LEU B 52 -10.54 4.90 -10.36
N GLY B 53 -9.64 5.84 -10.05
CA GLY B 53 -10.05 7.13 -9.51
C GLY B 53 -10.62 7.28 -8.12
N ALA B 54 -9.98 6.65 -7.14
CA ALA B 54 -10.44 6.75 -5.77
C ALA B 54 -9.27 6.88 -4.82
N TYR B 55 -9.39 7.79 -3.85
CA TYR B 55 -8.33 7.97 -2.87
C TYR B 55 -8.37 6.71 -2.03
N GLY B 56 -7.19 6.12 -1.78
CA GLY B 56 -7.15 4.89 -1.01
C GLY B 56 -6.69 4.92 0.43
N CYS B 57 -7.40 4.14 1.25
CA CYS B 57 -7.11 3.99 2.68
C CYS B 57 -6.95 2.49 2.92
N SER B 58 -6.22 2.10 3.95
CA SER B 58 -6.03 0.68 4.23
C SER B 58 -5.79 0.33 5.69
N VAL B 59 -6.44 -0.73 6.14
CA VAL B 59 -6.26 -1.22 7.49
C VAL B 59 -5.68 -2.62 7.33
N ILE B 60 -4.51 -2.83 7.92
CA ILE B 60 -3.84 -4.12 7.82
C ILE B 60 -4.29 -5.12 8.88
N THR B 61 -4.71 -6.30 8.43
CA THR B 61 -5.19 -7.34 9.34
C THR B 61 -4.11 -8.39 9.58
N ALA B 62 -3.17 -8.49 8.65
CA ALA B 62 -2.09 -9.47 8.77
C ALA B 62 -0.95 -9.16 7.82
N LEU B 63 0.26 -9.45 8.27
CA LEU B 63 1.41 -9.22 7.42
C LEU B 63 1.84 -10.58 6.94
N VAL B 64 2.34 -10.65 5.71
CA VAL B 64 2.80 -11.93 5.21
C VAL B 64 3.96 -11.75 4.27
N ALA B 65 5.01 -12.51 4.52
CA ALA B 65 6.18 -12.48 3.66
C ALA B 65 5.70 -13.36 2.54
N GLU B 66 5.13 -12.72 1.54
CA GLU B 66 4.58 -13.40 0.40
C GLU B 66 5.48 -13.23 -0.79
N ASN B 67 5.14 -13.87 -1.89
CA ASN B 67 6.03 -13.84 -3.03
C ASN B 67 5.31 -14.32 -4.28
N THR B 68 5.92 -14.05 -5.43
CA THR B 68 5.36 -14.48 -6.70
C THR B 68 5.46 -16.02 -6.81
N CYS B 69 6.13 -16.64 -5.84
CA CYS B 69 6.30 -18.08 -5.81
C CYS B 69 5.58 -18.71 -4.62
N GLY B 70 4.70 -17.93 -3.99
CA GLY B 70 3.95 -18.44 -2.87
C GLY B 70 4.24 -17.73 -1.56
N VAL B 71 3.65 -18.23 -0.49
CA VAL B 71 3.82 -17.66 0.84
C VAL B 71 5.01 -18.25 1.59
N GLN B 72 5.89 -17.39 2.10
CA GLN B 72 7.03 -17.87 2.87
C GLN B 72 6.62 -17.98 4.34
N SER B 73 5.88 -16.99 4.83
CA SER B 73 5.43 -17.01 6.22
C SER B 73 4.35 -15.97 6.50
N VAL B 74 3.64 -16.13 7.59
CA VAL B 74 2.59 -15.22 7.97
C VAL B 74 2.87 -14.66 9.35
N TYR B 75 2.62 -13.37 9.52
CA TYR B 75 2.87 -12.70 10.79
C TYR B 75 1.55 -12.15 11.30
N ARG B 76 1.14 -12.62 12.47
CA ARG B 76 -0.12 -12.18 13.07
C ARG B 76 -0.05 -10.79 13.68
N ILE B 77 -1.18 -10.10 13.66
CA ILE B 77 -1.28 -8.76 14.24
C ILE B 77 -2.36 -8.85 15.32
N GLU B 78 -2.21 -8.12 16.42
CA GLU B 78 -3.19 -8.14 17.49
C GLU B 78 -4.51 -7.54 17.04
N PRO B 79 -5.61 -8.29 17.21
CA PRO B 79 -6.94 -7.81 16.81
C PRO B 79 -7.17 -6.38 17.28
N ASP B 80 -6.66 -6.08 18.47
CA ASP B 80 -6.79 -4.75 19.04
C ASP B 80 -6.18 -3.67 18.18
N PHE B 81 -5.04 -3.97 17.56
CA PHE B 81 -4.40 -2.99 16.69
C PHE B 81 -5.20 -2.84 15.40
N VAL B 82 -5.80 -3.94 14.93
CA VAL B 82 -6.62 -3.88 13.75
C VAL B 82 -7.73 -2.90 14.13
N ALA B 83 -8.35 -3.14 15.29
CA ALA B 83 -9.38 -2.25 15.79
C ALA B 83 -8.86 -0.81 15.86
N ALA B 84 -7.65 -0.65 16.39
CA ALA B 84 -7.06 0.67 16.50
C ALA B 84 -6.95 1.31 15.11
N GLN B 85 -6.56 0.50 14.12
CA GLN B 85 -6.44 0.99 12.75
C GLN B 85 -7.78 1.42 12.18
N LEU B 86 -8.80 0.59 12.38
CA LEU B 86 -10.15 0.92 11.88
C LEU B 86 -10.57 2.27 12.44
N ASP B 87 -10.42 2.45 13.74
CA ASP B 87 -10.80 3.70 14.38
C ASP B 87 -9.99 4.90 13.90
N SER B 88 -8.68 4.72 13.71
CA SER B 88 -7.88 5.84 13.22
C SER B 88 -8.46 6.31 11.88
N VAL B 89 -9.00 5.38 11.10
CA VAL B 89 -9.56 5.75 9.81
C VAL B 89 -10.98 6.28 9.88
N PHE B 90 -11.89 5.50 10.44
CA PHE B 90 -13.29 5.89 10.52
C PHE B 90 -13.58 7.09 11.40
N SER B 91 -12.65 7.44 12.28
CA SER B 91 -12.86 8.60 13.14
C SER B 91 -12.34 9.86 12.50
N ASP B 92 -11.86 9.75 11.26
CA ASP B 92 -11.25 10.90 10.59
C ASP B 92 -11.53 11.09 9.09
N VAL B 93 -11.60 9.99 8.36
CA VAL B 93 -11.84 10.03 6.91
C VAL B 93 -13.20 9.45 6.54
N ARG B 94 -13.95 10.16 5.69
CA ARG B 94 -15.25 9.68 5.26
C ARG B 94 -14.99 8.55 4.26
N ILE B 95 -15.48 7.36 4.56
CA ILE B 95 -15.32 6.20 3.69
C ILE B 95 -16.57 5.92 2.84
N ASP B 96 -16.42 5.97 1.53
CA ASP B 96 -17.54 5.75 0.62
C ASP B 96 -17.69 4.30 0.14
N THR B 97 -16.58 3.55 0.07
CA THR B 97 -16.62 2.15 -0.34
C THR B 97 -15.57 1.36 0.43
N THR B 98 -15.87 0.09 0.67
CA THR B 98 -14.96 -0.75 1.40
C THR B 98 -14.82 -2.13 0.79
N LYS B 99 -13.58 -2.61 0.78
CA LYS B 99 -13.26 -3.93 0.27
C LYS B 99 -12.59 -4.69 1.41
N ILE B 100 -13.03 -5.92 1.65
CA ILE B 100 -12.46 -6.70 2.72
C ILE B 100 -11.77 -7.92 2.15
N GLY B 101 -10.52 -8.13 2.56
CA GLY B 101 -9.77 -9.29 2.09
C GLY B 101 -9.52 -10.25 3.24
N MET B 102 -8.25 -10.65 3.40
CA MET B 102 -7.85 -11.55 4.47
C MET B 102 -8.30 -11.01 5.83
N LEU B 103 -9.00 -11.87 6.59
CA LEU B 103 -9.49 -11.53 7.92
C LEU B 103 -8.74 -12.31 9.02
N ALA B 104 -8.09 -13.39 8.61
CA ALA B 104 -7.28 -14.26 9.49
C ALA B 104 -7.95 -15.02 10.62
N GLU B 105 -8.44 -14.32 11.63
CA GLU B 105 -9.05 -15.01 12.75
C GLU B 105 -10.35 -14.40 13.28
N THR B 106 -11.03 -15.15 14.14
CA THR B 106 -12.29 -14.76 14.74
C THR B 106 -12.32 -13.36 15.33
N ASP B 107 -11.29 -13.02 16.10
CA ASP B 107 -11.23 -11.70 16.72
C ASP B 107 -11.18 -10.55 15.74
N ILE B 108 -10.49 -10.74 14.61
CA ILE B 108 -10.42 -9.71 13.58
C ILE B 108 -11.81 -9.56 12.98
N VAL B 109 -12.39 -10.69 12.57
CA VAL B 109 -13.72 -10.69 11.97
C VAL B 109 -14.69 -9.92 12.84
N GLU B 110 -14.63 -10.22 14.14
CA GLU B 110 -15.51 -9.58 15.12
C GLU B 110 -15.24 -8.08 15.20
N ALA B 111 -13.97 -7.72 15.32
CA ALA B 111 -13.59 -6.31 15.40
C ALA B 111 -14.04 -5.56 14.13
N VAL B 112 -13.86 -6.17 12.97
CA VAL B 112 -14.23 -5.55 11.71
C VAL B 112 -15.75 -5.36 11.66
N ALA B 113 -16.49 -6.43 11.88
CA ALA B 113 -17.95 -6.36 11.86
C ALA B 113 -18.46 -5.28 12.80
N GLU B 114 -17.88 -5.23 14.00
CA GLU B 114 -18.29 -4.25 14.99
C GLU B 114 -18.14 -2.81 14.49
N ARG B 115 -16.95 -2.47 13.96
CA ARG B 115 -16.72 -1.12 13.46
C ARG B 115 -17.62 -0.82 12.26
N LEU B 116 -17.82 -1.83 11.41
CA LEU B 116 -18.66 -1.68 10.24
C LEU B 116 -20.07 -1.30 10.70
N GLN B 117 -20.51 -1.94 11.78
CA GLN B 117 -21.84 -1.71 12.34
C GLN B 117 -21.93 -0.35 13.01
N ARG B 118 -20.91 0.01 13.78
CA ARG B 118 -20.90 1.30 14.46
C ARG B 118 -20.92 2.49 13.50
N HIS B 119 -20.12 2.44 12.46
CA HIS B 119 -20.06 3.54 11.51
C HIS B 119 -20.99 3.45 10.32
N HIS B 120 -21.99 2.58 10.40
CA HIS B 120 -22.97 2.42 9.31
C HIS B 120 -22.27 2.42 7.96
N VAL B 121 -21.27 1.56 7.82
CA VAL B 121 -20.51 1.48 6.61
C VAL B 121 -21.28 0.74 5.51
N ARG B 122 -21.36 1.35 4.34
CA ARG B 122 -22.06 0.72 3.24
C ARG B 122 -21.14 0.50 2.05
N ASN B 123 -21.66 -0.21 1.05
CA ASN B 123 -20.89 -0.53 -0.14
C ASN B 123 -19.74 -1.42 0.26
N VAL B 124 -20.03 -2.36 1.15
CA VAL B 124 -19.00 -3.26 1.61
C VAL B 124 -18.88 -4.47 0.67
N VAL B 125 -17.72 -4.60 0.05
CA VAL B 125 -17.46 -5.73 -0.83
C VAL B 125 -16.59 -6.70 -0.07
N LEU B 126 -17.06 -7.93 0.08
CA LEU B 126 -16.29 -8.93 0.80
C LEU B 126 -15.78 -10.06 -0.10
N ASP B 127 -14.47 -10.10 -0.32
CA ASP B 127 -13.90 -11.20 -1.10
C ASP B 127 -13.81 -12.31 -0.07
N THR B 128 -13.74 -13.55 -0.52
CA THR B 128 -13.67 -14.67 0.41
C THR B 128 -12.30 -15.33 0.44
N VAL B 129 -11.41 -14.78 1.26
CA VAL B 129 -10.06 -15.29 1.39
C VAL B 129 -10.02 -16.36 2.47
N MET B 130 -10.49 -17.56 2.13
CA MET B 130 -10.51 -18.65 3.08
C MET B 130 -9.82 -19.88 2.50
N LEU B 131 -8.60 -19.64 2.03
CA LEU B 131 -7.76 -20.67 1.44
C LEU B 131 -6.38 -20.04 1.37
N ALA B 132 -5.67 -20.20 0.25
CA ALA B 132 -4.35 -19.60 0.10
C ALA B 132 -3.78 -19.76 -1.31
N LYS B 133 -3.02 -18.77 -1.75
CA LYS B 133 -2.41 -18.80 -3.07
C LYS B 133 -1.62 -20.10 -3.23
N SER B 134 -0.64 -20.30 -2.35
CA SER B 134 0.19 -21.49 -2.37
C SER B 134 -0.67 -22.72 -2.09
N GLY B 135 -1.90 -22.49 -1.68
CA GLY B 135 -2.81 -23.58 -1.38
C GLY B 135 -2.82 -23.95 0.09
N ASP B 136 -3.97 -23.77 0.75
CA ASP B 136 -4.15 -24.09 2.18
C ASP B 136 -5.41 -23.42 2.73
N PRO B 137 -6.38 -24.20 3.24
CA PRO B 137 -7.62 -23.66 3.80
C PRO B 137 -7.43 -22.77 5.07
N LEU B 138 -7.11 -21.49 4.86
CA LEU B 138 -6.92 -20.54 5.96
C LEU B 138 -8.23 -20.22 6.68
N LEU B 139 -9.09 -21.23 6.78
CA LEU B 139 -10.39 -21.04 7.41
C LEU B 139 -10.53 -21.55 8.85
N SER B 140 -10.40 -20.64 9.81
CA SER B 140 -10.57 -21.03 11.21
C SER B 140 -12.03 -21.38 11.37
N PRO B 141 -12.33 -22.64 11.72
CA PRO B 141 -13.73 -23.07 11.89
C PRO B 141 -14.52 -22.12 12.78
N SER B 142 -13.82 -21.49 13.72
CA SER B 142 -14.45 -20.57 14.65
C SER B 142 -14.63 -19.23 13.92
N ALA B 143 -13.70 -18.93 13.02
CA ALA B 143 -13.73 -17.70 12.26
C ALA B 143 -14.89 -17.70 11.26
N ILE B 144 -15.02 -18.78 10.50
CA ILE B 144 -16.08 -18.91 9.51
C ILE B 144 -17.47 -18.75 10.11
N GLU B 145 -17.70 -19.34 11.28
CA GLU B 145 -18.99 -19.24 11.92
C GLU B 145 -19.27 -17.79 12.32
N THR B 146 -18.25 -17.12 12.85
CA THR B 146 -18.36 -15.73 13.26
C THR B 146 -18.60 -14.86 12.04
N LEU B 147 -17.95 -15.23 10.94
CA LEU B 147 -18.08 -14.48 9.70
C LEU B 147 -19.50 -14.51 9.16
N ARG B 148 -20.10 -15.69 9.11
CA ARG B 148 -21.45 -15.82 8.59
C ARG B 148 -22.52 -15.20 9.50
N VAL B 149 -22.28 -15.16 10.79
CA VAL B 149 -23.23 -14.61 11.75
C VAL B 149 -23.04 -13.12 12.00
N ARG B 150 -21.79 -12.67 12.06
CA ARG B 150 -21.50 -11.26 12.35
C ARG B 150 -21.14 -10.34 11.19
N LEU B 151 -20.51 -10.87 10.14
CA LEU B 151 -20.10 -10.02 9.03
C LEU B 151 -21.05 -10.02 7.82
N LEU B 152 -21.42 -11.20 7.35
CA LEU B 152 -22.34 -11.32 6.20
C LEU B 152 -23.51 -10.34 6.21
N PRO B 153 -24.15 -10.13 7.39
CA PRO B 153 -25.28 -9.20 7.43
C PRO B 153 -24.89 -7.76 7.15
N GLN B 154 -23.63 -7.51 6.86
CA GLN B 154 -23.20 -6.15 6.61
C GLN B 154 -22.48 -5.92 5.29
N VAL B 155 -22.44 -6.92 4.44
CA VAL B 155 -21.76 -6.75 3.17
C VAL B 155 -22.76 -6.43 2.08
N SER B 156 -22.36 -5.57 1.15
CA SER B 156 -23.23 -5.20 0.04
C SER B 156 -23.08 -6.27 -1.04
N LEU B 157 -21.85 -6.74 -1.23
CA LEU B 157 -21.57 -7.76 -2.23
C LEU B 157 -20.48 -8.71 -1.76
N ILE B 158 -20.73 -10.00 -1.93
CA ILE B 158 -19.74 -11.00 -1.55
C ILE B 158 -19.28 -11.64 -2.86
N THR B 159 -17.99 -11.95 -2.98
CA THR B 159 -17.47 -12.51 -4.23
C THR B 159 -16.74 -13.84 -4.08
N PRO B 160 -17.46 -14.89 -3.68
CA PRO B 160 -16.82 -16.20 -3.53
C PRO B 160 -16.82 -17.05 -4.79
N ASN B 161 -15.94 -18.04 -4.84
CA ASN B 161 -15.92 -18.97 -5.97
C ASN B 161 -16.74 -20.16 -5.43
N LEU B 162 -16.83 -21.27 -6.18
CA LEU B 162 -17.63 -22.39 -5.70
C LEU B 162 -17.20 -23.02 -4.37
N PRO B 163 -15.94 -23.42 -4.24
CA PRO B 163 -15.48 -24.03 -2.99
C PRO B 163 -15.77 -23.12 -1.79
N GLU B 164 -15.46 -21.84 -1.96
CA GLU B 164 -15.68 -20.84 -0.90
C GLU B 164 -17.16 -20.70 -0.55
N ALA B 165 -18.00 -20.63 -1.58
CA ALA B 165 -19.43 -20.51 -1.37
C ALA B 165 -19.90 -21.69 -0.53
N ALA B 166 -19.41 -22.87 -0.89
CA ALA B 166 -19.78 -24.09 -0.17
C ALA B 166 -19.35 -24.01 1.29
N ALA B 167 -18.10 -23.60 1.51
CA ALA B 167 -17.56 -23.49 2.87
C ALA B 167 -18.38 -22.52 3.74
N LEU B 168 -18.80 -21.40 3.16
CA LEU B 168 -19.59 -20.42 3.90
C LEU B 168 -20.95 -21.02 4.26
N LEU B 169 -21.51 -21.80 3.35
CA LEU B 169 -22.81 -22.41 3.59
C LEU B 169 -22.71 -23.73 4.32
N ASP B 170 -21.49 -24.27 4.40
CA ASP B 170 -21.26 -25.54 5.05
C ASP B 170 -22.12 -26.56 4.31
N ALA B 171 -22.01 -26.54 3.00
CA ALA B 171 -22.75 -27.43 2.13
C ALA B 171 -21.79 -28.06 1.13
N PRO B 172 -22.24 -29.11 0.42
CA PRO B 172 -21.37 -29.76 -0.55
C PRO B 172 -21.07 -28.85 -1.73
N HIS B 173 -19.91 -29.04 -2.34
CA HIS B 173 -19.49 -28.24 -3.49
C HIS B 173 -20.54 -28.41 -4.60
N ALA B 174 -21.18 -27.32 -5.00
CA ALA B 174 -22.20 -27.35 -6.04
C ALA B 174 -21.82 -28.23 -7.23
N ARG B 175 -22.69 -29.17 -7.57
CA ARG B 175 -22.46 -30.08 -8.70
C ARG B 175 -23.05 -29.53 -10.00
N THR B 176 -24.30 -29.08 -9.94
CA THR B 176 -24.99 -28.56 -11.12
C THR B 176 -25.21 -27.05 -11.07
N GLU B 177 -25.81 -26.51 -12.12
CA GLU B 177 -26.10 -25.08 -12.17
C GLU B 177 -27.20 -24.73 -11.18
N GLN B 178 -28.18 -25.62 -11.03
CA GLN B 178 -29.28 -25.41 -10.10
C GLN B 178 -28.75 -25.25 -8.67
N GLU B 179 -27.86 -26.14 -8.28
CA GLU B 179 -27.29 -26.10 -6.93
C GLU B 179 -26.52 -24.79 -6.75
N MET B 180 -25.78 -24.39 -7.78
CA MET B 180 -25.01 -23.17 -7.74
C MET B 180 -25.93 -21.98 -7.53
N LEU B 181 -27.09 -21.99 -8.20
CA LEU B 181 -28.08 -20.93 -8.06
C LEU B 181 -28.73 -20.97 -6.68
N ALA B 182 -28.86 -22.16 -6.11
CA ALA B 182 -29.46 -22.29 -4.80
C ALA B 182 -28.55 -21.66 -3.75
N GLN B 183 -27.24 -21.88 -3.89
CA GLN B 183 -26.26 -21.33 -2.95
C GLN B 183 -26.21 -19.80 -3.01
N GLY B 184 -26.39 -19.25 -4.21
CA GLY B 184 -26.36 -17.80 -4.34
C GLY B 184 -27.51 -17.21 -3.58
N ARG B 185 -28.69 -17.80 -3.78
CA ARG B 185 -29.89 -17.33 -3.11
C ARG B 185 -29.83 -17.53 -1.60
N ALA B 186 -29.17 -18.59 -1.16
CA ALA B 186 -29.04 -18.86 0.27
C ALA B 186 -28.16 -17.77 0.89
N LEU B 187 -27.10 -17.40 0.18
CA LEU B 187 -26.19 -16.36 0.66
C LEU B 187 -26.90 -15.02 0.78
N LEU B 188 -27.92 -14.79 -0.05
CA LEU B 188 -28.64 -13.53 0.02
C LEU B 188 -29.45 -13.50 1.31
N ALA B 189 -30.14 -14.60 1.59
CA ALA B 189 -30.96 -14.73 2.78
C ALA B 189 -30.15 -14.54 4.05
N MET B 190 -28.85 -14.83 4.01
CA MET B 190 -28.01 -14.69 5.18
C MET B 190 -27.61 -13.25 5.49
N GLY B 191 -28.05 -12.29 4.66
CA GLY B 191 -27.73 -10.91 4.90
C GLY B 191 -27.11 -10.13 3.75
N CYS B 192 -26.34 -10.83 2.93
CA CYS B 192 -25.68 -10.22 1.77
C CYS B 192 -26.69 -9.55 0.86
N GLU B 193 -26.38 -8.33 0.44
CA GLU B 193 -27.27 -7.59 -0.44
C GLU B 193 -27.16 -8.14 -1.84
N ALA B 194 -25.98 -8.67 -2.17
CA ALA B 194 -25.74 -9.21 -3.50
C ALA B 194 -24.63 -10.26 -3.43
N VAL B 195 -24.59 -11.13 -4.42
CA VAL B 195 -23.59 -12.18 -4.47
C VAL B 195 -23.09 -12.38 -5.89
N LEU B 196 -21.78 -12.50 -6.04
CA LEU B 196 -21.20 -12.75 -7.35
C LEU B 196 -20.52 -14.12 -7.26
N MET B 197 -21.25 -15.16 -7.66
CA MET B 197 -20.70 -16.51 -7.65
C MET B 197 -19.73 -16.60 -8.81
N LYS B 198 -18.47 -16.88 -8.51
CA LYS B 198 -17.45 -17.00 -9.55
C LYS B 198 -17.29 -18.44 -10.02
N GLY B 199 -17.37 -18.64 -11.34
CA GLY B 199 -17.25 -19.98 -11.90
C GLY B 199 -15.81 -20.41 -12.19
N ASP B 209 -19.77 -16.73 -14.38
CA ASP B 209 -20.06 -15.88 -13.23
C ASP B 209 -21.51 -15.43 -13.15
N TRP B 210 -22.13 -15.62 -12.00
CA TRP B 210 -23.51 -15.23 -11.78
C TRP B 210 -23.66 -14.22 -10.66
N LEU B 211 -24.41 -13.15 -10.94
CA LEU B 211 -24.67 -12.08 -9.98
C LEU B 211 -26.09 -12.24 -9.40
N PHE B 212 -26.18 -12.34 -8.08
CA PHE B 212 -27.48 -12.49 -7.43
C PHE B 212 -27.93 -11.23 -6.71
N THR B 213 -29.19 -10.88 -6.90
CA THR B 213 -29.79 -9.70 -6.29
C THR B 213 -31.22 -10.05 -5.88
N ARG B 214 -31.87 -9.19 -5.11
CA ARG B 214 -33.23 -9.45 -4.70
C ARG B 214 -34.07 -9.56 -5.97
N GLU B 215 -33.68 -8.81 -7.00
CA GLU B 215 -34.39 -8.80 -8.28
C GLU B 215 -34.32 -10.14 -9.00
N GLY B 216 -33.11 -10.67 -9.15
CA GLY B 216 -32.96 -11.94 -9.83
C GLY B 216 -31.49 -12.24 -10.11
N GLU B 217 -31.24 -13.09 -11.10
CA GLU B 217 -29.86 -13.44 -11.44
C GLU B 217 -29.44 -12.84 -12.78
N GLN B 218 -28.12 -12.84 -13.01
CA GLN B 218 -27.55 -12.31 -14.24
C GLN B 218 -26.24 -13.02 -14.53
N ARG B 219 -26.11 -13.55 -15.75
CA ARG B 219 -24.90 -14.24 -16.15
C ARG B 219 -23.89 -13.28 -16.78
N PHE B 220 -22.60 -13.58 -16.60
CA PHE B 220 -21.53 -12.75 -17.14
C PHE B 220 -20.49 -13.62 -17.83
N ARG B 224 -11.89 -15.74 -20.44
CA ARG B 224 -11.17 -15.36 -21.66
C ARG B 224 -9.70 -15.07 -21.37
N VAL B 225 -9.25 -15.43 -20.17
CA VAL B 225 -7.86 -15.20 -19.76
C VAL B 225 -6.83 -15.93 -20.62
N ASN B 226 -5.95 -15.16 -21.24
CA ASN B 226 -4.92 -15.73 -22.10
C ASN B 226 -3.52 -15.62 -21.49
N THR B 227 -3.45 -15.46 -20.18
CA THR B 227 -2.16 -15.34 -19.50
C THR B 227 -2.06 -16.25 -18.30
N LYS B 228 -0.84 -16.48 -17.85
CA LYS B 228 -0.57 -17.33 -16.70
C LYS B 228 -0.26 -16.49 -15.46
N ASN B 229 0.01 -15.22 -15.66
CA ASN B 229 0.32 -14.32 -14.55
C ASN B 229 -0.98 -13.76 -14.01
N THR B 230 -1.60 -14.52 -13.11
CA THR B 230 -2.88 -14.14 -12.53
C THR B 230 -2.86 -13.88 -11.02
N HIS B 231 -1.66 -13.78 -10.44
CA HIS B 231 -1.52 -13.53 -9.01
C HIS B 231 -2.23 -12.23 -8.61
N GLY B 232 -3.14 -12.32 -7.63
CA GLY B 232 -3.87 -11.14 -7.18
C GLY B 232 -5.16 -10.81 -7.90
N THR B 233 -5.53 -11.63 -8.88
CA THR B 233 -6.75 -11.41 -9.63
C THR B 233 -7.96 -11.18 -8.71
N GLY B 234 -8.15 -12.12 -7.78
CA GLY B 234 -9.26 -12.04 -6.86
C GLY B 234 -9.32 -10.76 -6.06
N CYS B 235 -8.18 -10.35 -5.50
CA CYS B 235 -8.11 -9.12 -4.72
C CYS B 235 -8.44 -7.97 -5.66
N THR B 236 -7.84 -7.99 -6.84
CA THR B 236 -8.05 -6.91 -7.78
C THR B 236 -9.51 -6.77 -8.20
N LEU B 237 -10.17 -7.88 -8.49
CA LEU B 237 -11.57 -7.83 -8.88
C LEU B 237 -12.42 -7.24 -7.78
N SER B 238 -12.25 -7.72 -6.56
CA SER B 238 -13.04 -7.20 -5.45
C SER B 238 -12.72 -5.72 -5.17
N ALA B 239 -11.45 -5.35 -5.21
CA ALA B 239 -11.09 -3.96 -4.99
C ALA B 239 -11.73 -3.09 -6.09
N ALA B 240 -11.73 -3.60 -7.31
CA ALA B 240 -12.31 -2.89 -8.46
C ALA B 240 -13.82 -2.71 -8.28
N LEU B 241 -14.51 -3.79 -7.91
CA LEU B 241 -15.96 -3.73 -7.69
C LEU B 241 -16.27 -2.66 -6.64
N ALA B 242 -15.44 -2.59 -5.62
CA ALA B 242 -15.62 -1.60 -4.57
C ALA B 242 -15.43 -0.19 -5.09
N ALA B 243 -14.30 0.07 -5.73
CA ALA B 243 -13.99 1.41 -6.22
C ALA B 243 -14.97 1.89 -7.29
N LEU B 244 -15.51 0.95 -8.04
CA LEU B 244 -16.43 1.28 -9.12
C LEU B 244 -17.89 1.45 -8.73
N ARG B 245 -18.32 0.76 -7.68
CA ARG B 245 -19.72 0.82 -7.23
C ARG B 245 -20.35 2.22 -7.14
N PRO B 246 -19.66 3.17 -6.49
CA PRO B 246 -20.19 4.53 -6.34
C PRO B 246 -20.38 5.31 -7.64
N ARG B 247 -19.91 4.77 -8.75
CA ARG B 247 -20.03 5.47 -10.01
C ARG B 247 -21.03 4.81 -10.97
N HIS B 248 -21.80 3.87 -10.43
CA HIS B 248 -22.78 3.17 -11.24
C HIS B 248 -24.16 3.09 -10.61
N ARG B 249 -25.13 2.78 -11.46
CA ARG B 249 -26.52 2.68 -11.05
C ARG B 249 -26.81 1.42 -10.24
N SER B 250 -26.30 0.29 -10.72
CA SER B 250 -26.54 -0.98 -10.06
C SER B 250 -25.30 -1.88 -10.01
N TRP B 251 -25.38 -2.95 -9.21
CA TRP B 251 -24.28 -3.89 -9.10
C TRP B 251 -23.99 -4.52 -10.45
N GLY B 252 -25.04 -4.72 -11.24
CA GLY B 252 -24.85 -5.33 -12.54
C GLY B 252 -23.99 -4.44 -13.41
N GLU B 253 -24.31 -3.16 -13.41
CA GLU B 253 -23.58 -2.19 -14.22
C GLU B 253 -22.12 -2.19 -13.75
N THR B 254 -21.90 -2.09 -12.44
CA THR B 254 -20.55 -2.07 -11.93
C THR B 254 -19.82 -3.39 -12.11
N VAL B 255 -20.53 -4.52 -12.03
CA VAL B 255 -19.87 -5.82 -12.24
C VAL B 255 -19.35 -5.88 -13.66
N ASN B 256 -20.13 -5.31 -14.56
CA ASN B 256 -19.78 -5.30 -15.98
C ASN B 256 -18.52 -4.48 -16.27
N GLU B 257 -18.43 -3.28 -15.73
CA GLU B 257 -17.27 -2.45 -15.98
C GLU B 257 -16.00 -3.01 -15.33
N ALA B 258 -16.11 -3.46 -14.09
CA ALA B 258 -14.97 -4.01 -13.36
C ALA B 258 -14.33 -5.20 -14.07
N LYS B 259 -15.16 -6.07 -14.62
CA LYS B 259 -14.65 -7.24 -15.32
C LYS B 259 -13.91 -6.81 -16.59
N ALA B 260 -14.50 -5.88 -17.33
CA ALA B 260 -13.89 -5.38 -18.55
C ALA B 260 -12.50 -4.86 -18.23
N TRP B 261 -12.45 -4.04 -17.18
CA TRP B 261 -11.20 -3.45 -16.74
C TRP B 261 -10.18 -4.51 -16.30
N LEU B 262 -10.63 -5.47 -15.51
CA LEU B 262 -9.74 -6.52 -15.03
C LEU B 262 -9.19 -7.32 -16.22
N SER B 263 -10.02 -7.51 -17.22
CA SER B 263 -9.61 -8.26 -18.40
C SER B 263 -8.46 -7.51 -19.09
N ALA B 264 -8.56 -6.19 -19.13
CA ALA B 264 -7.52 -5.38 -19.74
C ALA B 264 -6.24 -5.48 -18.89
N ALA B 265 -6.39 -5.59 -17.58
CA ALA B 265 -5.24 -5.69 -16.70
C ALA B 265 -4.52 -7.02 -16.93
N LEU B 266 -5.29 -8.08 -17.12
CA LEU B 266 -4.70 -9.38 -17.38
C LEU B 266 -4.05 -9.39 -18.74
N ALA B 267 -4.70 -8.72 -19.68
CA ALA B 267 -4.21 -8.67 -21.06
C ALA B 267 -2.82 -8.04 -21.18
N GLN B 268 -2.34 -7.40 -20.12
CA GLN B 268 -1.02 -6.78 -20.18
C GLN B 268 -0.08 -7.34 -19.12
N ALA B 269 -0.60 -8.26 -18.32
CA ALA B 269 0.18 -8.87 -17.26
C ALA B 269 1.58 -9.31 -17.74
N ASP B 270 1.66 -9.81 -18.96
CA ASP B 270 2.95 -10.27 -19.48
C ASP B 270 3.94 -9.18 -19.84
N THR B 271 3.52 -7.93 -19.88
CA THR B 271 4.44 -6.85 -20.19
C THR B 271 5.19 -6.41 -18.93
N LEU B 272 4.88 -7.03 -17.80
CA LEU B 272 5.54 -6.70 -16.54
C LEU B 272 6.70 -7.65 -16.30
N GLU B 273 7.72 -7.17 -15.59
CA GLU B 273 8.88 -8.01 -15.32
C GLU B 273 9.06 -8.21 -13.81
N VAL B 274 8.07 -8.78 -13.15
CA VAL B 274 8.19 -8.99 -11.72
C VAL B 274 8.06 -10.45 -11.33
N GLY B 275 9.02 -10.93 -10.53
CA GLY B 275 9.00 -12.30 -10.06
C GLY B 275 9.42 -13.41 -11.02
N LYS B 276 9.62 -14.59 -10.45
CA LYS B 276 10.01 -15.79 -11.20
C LYS B 276 8.86 -16.78 -11.29
N GLY B 277 7.92 -16.69 -10.36
CA GLY B 277 6.78 -17.58 -10.36
C GLY B 277 5.63 -17.05 -11.18
N ILE B 278 4.46 -16.92 -10.55
CA ILE B 278 3.27 -16.42 -11.22
C ILE B 278 3.14 -14.92 -10.94
N GLY B 279 3.20 -14.12 -12.01
CA GLY B 279 3.12 -12.68 -11.86
C GLY B 279 1.76 -12.08 -11.58
N PRO B 280 1.71 -10.77 -11.31
CA PRO B 280 0.48 -10.04 -11.02
C PRO B 280 -0.10 -9.48 -12.31
N VAL B 281 -1.29 -8.90 -12.23
CA VAL B 281 -1.90 -8.29 -13.42
C VAL B 281 -1.32 -6.88 -13.48
N HIS B 282 -1.53 -6.19 -14.59
CA HIS B 282 -1.01 -4.84 -14.69
C HIS B 282 -2.09 -3.82 -14.36
N HIS B 283 -2.18 -3.49 -13.08
CA HIS B 283 -3.16 -2.54 -12.57
C HIS B 283 -3.16 -1.20 -13.31
N PHE B 284 -2.04 -0.85 -13.93
CA PHE B 284 -1.98 0.44 -14.60
C PHE B 284 -1.90 0.39 -16.12
N HIS B 285 -2.42 -0.67 -16.70
CA HIS B 285 -2.41 -0.83 -18.15
C HIS B 285 -2.88 0.41 -18.90
N ALA B 286 -3.78 1.16 -18.28
CA ALA B 286 -4.33 2.36 -18.89
C ALA B 286 -3.48 3.61 -18.77
N TRP B 287 -2.40 3.56 -18.00
CA TRP B 287 -1.57 4.75 -17.85
C TRP B 287 -0.13 4.63 -18.29
N TRP B 288 0.44 3.45 -18.18
CA TRP B 288 1.84 3.26 -18.59
C TRP B 288 2.18 1.78 -18.76
S SO4 C . 10.09 14.18 6.40
O1 SO4 C . 9.71 13.13 5.42
O2 SO4 C . 11.37 13.81 7.05
O3 SO4 C . 10.25 15.48 5.70
O4 SO4 C . 9.03 14.29 7.43
S SO4 D . 5.02 14.86 6.72
O1 SO4 D . 5.68 13.74 6.01
O2 SO4 D . 3.59 14.54 6.93
O3 SO4 D . 5.66 15.06 8.03
O4 SO4 D . 5.15 16.08 5.91
CM2 HMH E . 4.70 5.67 8.50
N1A HMH E . 6.38 7.36 7.91
C2A HMH E . 5.11 7.09 8.45
N3A HMH E . 4.30 8.06 8.90
C4A HMH E . 4.70 9.44 8.84
N4A HMH E . 3.85 10.37 9.31
C5A HMH E . 6.07 9.81 8.27
C6A HMH E . 6.84 8.70 7.84
C7A HMH E . 6.45 11.27 8.24
O1 HMH E . 6.48 12.09 9.65
S SO4 F . -9.87 -15.12 -4.40
O1 SO4 F . -10.77 -15.78 -3.41
O2 SO4 F . -8.89 -14.26 -3.72
O3 SO4 F . -9.18 -16.17 -5.18
O4 SO4 F . -10.68 -14.28 -5.30
S SO4 G . -5.33 -15.07 -6.39
O1 SO4 G . -4.02 -15.46 -5.80
O2 SO4 G . -5.83 -13.83 -5.75
O3 SO4 G . -5.19 -14.85 -7.84
O4 SO4 G . -6.30 -16.15 -6.17
CM2 HMH H . -2.59 -11.04 1.95
N1A HMH H . -4.64 -11.63 0.74
C2A HMH H . -3.24 -11.81 0.88
N3A HMH H . -2.54 -12.62 0.09
C4A HMH H . -3.16 -13.37 -0.95
N4A HMH H . -2.39 -14.16 -1.71
C5A HMH H . -4.68 -13.23 -1.18
C6A HMH H . -5.32 -12.35 -0.28
C7A HMH H . -5.30 -14.05 -2.28
O1 HMH H . -4.71 -15.54 -2.59
#